data_9H8E
#
_entry.id   9H8E
#
_cell.length_a   78.113
_cell.length_b   67.196
_cell.length_c   59.628
_cell.angle_alpha   90.00
_cell.angle_beta   96.01
_cell.angle_gamma   90.00
#
_symmetry.space_group_name_H-M   'C 1 2 1'
#
loop_
_entity.id
_entity.type
_entity.pdbx_description
1 polymer 'Mitogen-activated protein kinase kinase kinase kinase 1'
2 non-polymer 5-(methylamino)-6-(3-methylimidazo[4,5-c]pyridin-7-yl)-3-[(4-morpholin-4-ylphenyl)amino]pyrazine-2-carboxamide
3 water water
#
_entity_poly.entity_id   1
_entity_poly.type   'polypeptide(L)'
_entity_poly.pdbx_seq_one_letter_code
;GSDVVDPDIFNRDPRDHYDLLQRLGGGTYGEVFKARDKVSGDLVALKMVKMEPDDDVSTLQKEILILKTCRHANIVAYHG
SYLWLQKLWICMEFCGAGSLQDIYQVTGSLSELQISYVCREVLQGLAYLHSQKKIHRDIKGANILINDAGEVRLADFGIS
AQIGAELARRLEFIGTPYWMAPEVAAVALKGGYNELCDIWSLGITAIELAELQPPLFDVHPLRVLFLMTKSGYQPPRLKE
KGKWSAAFHNFIKVTLTKSPKKRPSATKMLSHQLVSQPGLNRGLILDLLDKLKN
;
_entity_poly.pdbx_strand_id   A
#
# COMPACT_ATOMS: atom_id res chain seq x y z
N ASP A 8 -10.40 14.91 -18.90
CA ASP A 8 -9.92 14.14 -17.75
C ASP A 8 -10.24 12.65 -17.91
N ILE A 9 -11.46 12.33 -18.40
CA ILE A 9 -11.95 10.97 -18.62
C ILE A 9 -12.33 10.86 -20.07
N PHE A 10 -11.40 10.42 -20.91
CA PHE A 10 -11.65 10.32 -22.34
C PHE A 10 -12.62 9.20 -22.69
N ASN A 11 -13.70 9.54 -23.40
CA ASN A 11 -14.68 8.55 -23.85
C ASN A 11 -14.17 7.83 -25.10
N ARG A 12 -13.07 7.08 -24.94
CA ARG A 12 -12.45 6.31 -26.00
C ARG A 12 -11.64 5.13 -25.45
N ASP A 13 -11.27 4.20 -26.35
CA ASP A 13 -10.50 3.02 -26.03
C ASP A 13 -9.08 3.47 -25.75
N PRO A 14 -8.50 3.13 -24.59
CA PRO A 14 -7.09 3.53 -24.35
C PRO A 14 -6.12 2.92 -25.36
N ARG A 15 -6.52 1.85 -26.09
CA ARG A 15 -5.70 1.24 -27.13
C ARG A 15 -5.41 2.20 -28.30
N ASP A 16 -6.18 3.30 -28.43
CA ASP A 16 -5.92 4.32 -29.45
C ASP A 16 -4.58 5.01 -29.17
N HIS A 17 -4.22 5.19 -27.89
CA HIS A 17 -2.98 5.87 -27.52
C HIS A 17 -1.92 4.93 -26.93
N TYR A 18 -2.33 3.76 -26.41
CA TYR A 18 -1.40 2.83 -25.77
C TYR A 18 -1.32 1.45 -26.37
N ASP A 19 -0.11 0.92 -26.44
CA ASP A 19 0.16 -0.44 -26.88
C ASP A 19 0.15 -1.28 -25.61
N LEU A 20 -0.88 -2.11 -25.42
CA LEU A 20 -0.99 -2.94 -24.23
C LEU A 20 0.02 -4.07 -24.27
N LEU A 21 0.93 -4.07 -23.31
CA LEU A 21 1.92 -5.14 -23.18
C LEU A 21 1.39 -6.21 -22.19
N GLN A 22 2.25 -6.89 -21.41
CA GLN A 22 1.82 -7.95 -20.54
C GLN A 22 1.01 -7.49 -19.31
N ARG A 23 0.27 -8.43 -18.73
CA ARG A 23 -0.47 -8.22 -17.51
C ARG A 23 0.56 -8.26 -16.40
N LEU A 24 0.52 -7.25 -15.51
CA LEU A 24 1.42 -7.18 -14.38
C LEU A 24 0.85 -7.84 -13.11
N GLY A 25 -0.48 -7.91 -13.03
CA GLY A 25 -1.20 -8.51 -11.91
C GLY A 25 -2.54 -7.83 -11.70
N GLY A 26 -3.15 -8.07 -10.55
CA GLY A 26 -4.45 -7.50 -10.24
C GLY A 26 -5.05 -7.96 -8.94
N GLY A 27 -6.25 -7.49 -8.66
CA GLY A 27 -6.98 -7.85 -7.45
C GLY A 27 -8.31 -7.14 -7.37
N THR A 28 -8.84 -6.95 -6.15
CA THR A 28 -10.11 -6.22 -5.99
C THR A 28 -10.06 -4.78 -6.57
N TYR A 29 -8.87 -4.21 -6.69
CA TYR A 29 -8.64 -2.88 -7.22
C TYR A 29 -8.59 -2.78 -8.75
N GLY A 30 -8.66 -3.91 -9.45
CA GLY A 30 -8.63 -3.89 -10.90
C GLY A 30 -7.54 -4.75 -11.52
N GLU A 31 -7.39 -4.69 -12.85
CA GLU A 31 -6.35 -5.43 -13.60
C GLU A 31 -5.28 -4.48 -14.12
N VAL A 32 -4.03 -4.73 -13.80
CA VAL A 32 -2.93 -3.85 -14.19
C VAL A 32 -2.10 -4.41 -15.32
N PHE A 33 -1.88 -3.60 -16.37
CA PHE A 33 -1.12 -3.99 -17.55
C PHE A 33 0.02 -3.01 -17.77
N LYS A 34 1.16 -3.54 -18.25
CA LYS A 34 2.27 -2.71 -18.63
C LYS A 34 1.89 -2.19 -20.01
N ALA A 35 2.15 -0.92 -20.31
CA ALA A 35 1.77 -0.36 -21.61
C ALA A 35 2.78 0.66 -22.11
N ARG A 36 2.83 0.86 -23.43
CA ARG A 36 3.74 1.82 -24.02
C ARG A 36 2.96 2.87 -24.78
N ASP A 37 3.26 4.16 -24.56
CA ASP A 37 2.62 5.25 -25.30
C ASP A 37 3.11 5.16 -26.75
N LYS A 38 2.17 5.14 -27.71
CA LYS A 38 2.48 5.02 -29.14
C LYS A 38 3.22 6.23 -29.72
N VAL A 39 3.17 7.38 -29.04
CA VAL A 39 3.81 8.59 -29.55
C VAL A 39 5.17 8.84 -28.90
N SER A 40 5.20 8.91 -27.57
CA SER A 40 6.44 9.19 -26.86
C SER A 40 7.33 7.98 -26.63
N GLY A 41 6.76 6.78 -26.66
CA GLY A 41 7.50 5.55 -26.41
C GLY A 41 7.70 5.23 -24.94
N ASP A 42 7.23 6.13 -24.04
CA ASP A 42 7.37 5.95 -22.60
C ASP A 42 6.52 4.80 -22.06
N LEU A 43 6.99 4.16 -20.98
CA LEU A 43 6.27 3.06 -20.37
C LEU A 43 5.37 3.60 -19.26
N VAL A 44 4.14 3.08 -19.19
CA VAL A 44 3.12 3.45 -18.20
C VAL A 44 2.42 2.17 -17.68
N ALA A 45 1.64 2.31 -16.59
CA ALA A 45 0.81 1.21 -16.12
C ALA A 45 -0.66 1.57 -16.45
N LEU A 46 -1.44 0.60 -16.93
CA LEU A 46 -2.85 0.84 -17.22
C LEU A 46 -3.68 -0.07 -16.34
N LYS A 47 -4.49 0.51 -15.46
CA LYS A 47 -5.35 -0.25 -14.57
C LYS A 47 -6.80 -0.21 -15.06
N MET A 48 -7.38 -1.38 -15.35
CA MET A 48 -8.76 -1.52 -15.77
C MET A 48 -9.65 -1.85 -14.55
N VAL A 49 -10.62 -0.98 -14.29
CA VAL A 49 -11.57 -1.15 -13.21
C VAL A 49 -12.95 -1.36 -13.86
N LYS A 50 -13.59 -2.51 -13.66
CA LYS A 50 -14.91 -2.75 -14.24
C LYS A 50 -16.00 -1.96 -13.50
N MET A 51 -16.82 -1.21 -14.24
CA MET A 51 -17.87 -0.39 -13.67
C MET A 51 -19.08 -1.19 -13.21
N GLU A 52 -19.58 -0.88 -12.02
CA GLU A 52 -20.74 -1.53 -11.41
C GLU A 52 -22.07 -0.95 -11.94
N PRO A 53 -23.19 -1.69 -11.82
CA PRO A 53 -24.46 -1.18 -12.33
C PRO A 53 -24.94 0.14 -11.74
N ASP A 54 -24.43 0.53 -10.58
CA ASP A 54 -24.82 1.77 -9.92
C ASP A 54 -23.69 2.83 -9.91
N ASP A 55 -22.69 2.70 -10.79
CA ASP A 55 -21.60 3.66 -10.85
C ASP A 55 -21.91 4.83 -11.79
N ASP A 56 -22.74 5.79 -11.35
CA ASP A 56 -23.10 6.97 -12.14
C ASP A 56 -21.84 7.80 -12.49
N VAL A 57 -21.83 8.42 -13.68
CA VAL A 57 -20.66 9.18 -14.15
C VAL A 57 -20.45 10.49 -13.33
N SER A 58 -21.46 10.96 -12.61
CA SER A 58 -21.32 12.17 -11.79
C SER A 58 -20.45 11.89 -10.58
N THR A 59 -20.60 10.71 -9.96
CA THR A 59 -19.77 10.31 -8.82
C THR A 59 -18.36 9.93 -9.31
N LEU A 60 -18.29 9.26 -10.47
CA LEU A 60 -17.07 8.86 -11.17
C LEU A 60 -16.22 10.11 -11.44
N GLN A 61 -16.85 11.23 -11.87
CA GLN A 61 -16.18 12.50 -12.12
C GLN A 61 -15.56 13.08 -10.82
N LYS A 62 -16.29 13.03 -9.70
CA LYS A 62 -15.79 13.49 -8.41
C LYS A 62 -14.56 12.69 -8.00
N GLU A 63 -14.57 11.36 -8.24
CA GLU A 63 -13.46 10.49 -7.89
C GLU A 63 -12.24 10.79 -8.73
N ILE A 64 -12.41 11.00 -10.04
CA ILE A 64 -11.27 11.30 -10.90
C ILE A 64 -10.63 12.64 -10.50
N LEU A 65 -11.44 13.61 -10.06
CA LEU A 65 -10.95 14.90 -9.57
C LEU A 65 -10.07 14.68 -8.31
N ILE A 66 -10.50 13.77 -7.42
CA ILE A 66 -9.77 13.42 -6.21
C ILE A 66 -8.46 12.70 -6.56
N LEU A 67 -8.48 11.83 -7.59
CA LEU A 67 -7.29 11.13 -8.08
C LEU A 67 -6.23 12.08 -8.67
N LYS A 68 -6.69 13.20 -9.24
CA LYS A 68 -5.81 14.16 -9.88
C LYS A 68 -5.26 15.18 -8.88
N THR A 69 -5.98 15.47 -7.79
CA THR A 69 -5.54 16.46 -6.83
C THR A 69 -4.83 15.81 -5.63
N CYS A 70 -5.15 14.57 -5.29
CA CYS A 70 -4.48 13.88 -4.17
C CYS A 70 -3.13 13.38 -4.68
N ARG A 71 -2.11 14.24 -4.72
CA ARG A 71 -0.79 13.94 -5.26
C ARG A 71 0.37 14.07 -4.26
N HIS A 72 1.29 13.12 -4.31
CA HIS A 72 2.47 13.17 -3.44
C HIS A 72 3.61 12.35 -4.04
N ALA A 73 4.88 12.76 -3.83
CA ALA A 73 6.02 11.99 -4.35
C ALA A 73 6.00 10.50 -3.94
N ASN A 74 5.46 10.16 -2.76
CA ASN A 74 5.41 8.77 -2.30
C ASN A 74 4.11 8.04 -2.65
N ILE A 75 3.37 8.52 -3.66
CA ILE A 75 2.16 7.88 -4.18
C ILE A 75 2.33 7.85 -5.70
N VAL A 76 2.08 6.68 -6.35
CA VAL A 76 2.18 6.55 -7.81
C VAL A 76 1.34 7.64 -8.51
N ALA A 77 1.98 8.38 -9.42
CA ALA A 77 1.32 9.51 -10.10
C ALA A 77 0.20 9.06 -11.01
N TYR A 78 -0.89 9.79 -11.01
CA TYR A 78 -2.02 9.53 -11.89
C TYR A 78 -1.79 10.39 -13.14
N HIS A 79 -1.93 9.81 -14.34
CA HIS A 79 -1.73 10.54 -15.58
C HIS A 79 -3.04 10.92 -16.26
N GLY A 80 -4.03 10.05 -16.18
CA GLY A 80 -5.31 10.28 -16.85
C GLY A 80 -6.19 9.06 -16.86
N SER A 81 -7.40 9.18 -17.42
CA SER A 81 -8.34 8.07 -17.45
C SER A 81 -9.20 8.01 -18.71
N TYR A 82 -9.74 6.82 -18.98
CA TYR A 82 -10.57 6.56 -20.14
C TYR A 82 -11.79 5.77 -19.71
N LEU A 83 -12.99 6.14 -20.19
CA LEU A 83 -14.19 5.36 -19.91
C LEU A 83 -14.57 4.71 -21.22
N TRP A 84 -14.56 3.38 -21.27
CA TRP A 84 -14.84 2.66 -22.51
C TRP A 84 -15.45 1.30 -22.24
N LEU A 85 -16.60 1.00 -22.90
CA LEU A 85 -17.32 -0.28 -22.82
C LEU A 85 -17.52 -0.81 -21.38
N GLN A 86 -17.99 0.05 -20.48
CA GLN A 86 -18.22 -0.25 -19.06
C GLN A 86 -16.95 -0.50 -18.24
N LYS A 87 -15.78 -0.21 -18.81
CA LYS A 87 -14.52 -0.39 -18.12
C LYS A 87 -13.80 0.96 -18.02
N LEU A 88 -13.37 1.31 -16.80
CA LEU A 88 -12.65 2.54 -16.55
C LEU A 88 -11.17 2.21 -16.51
N TRP A 89 -10.38 2.92 -17.30
CA TRP A 89 -8.96 2.68 -17.40
C TRP A 89 -8.22 3.84 -16.82
N ILE A 90 -7.38 3.60 -15.83
CA ILE A 90 -6.55 4.62 -15.20
C ILE A 90 -5.10 4.44 -15.63
N CYS A 91 -4.53 5.50 -16.18
CA CYS A 91 -3.15 5.52 -16.60
C CYS A 91 -2.33 6.07 -15.45
N MET A 92 -1.26 5.37 -15.08
CA MET A 92 -0.41 5.81 -13.99
C MET A 92 1.08 5.53 -14.24
N GLU A 93 1.97 6.14 -13.44
CA GLU A 93 3.42 5.91 -13.57
C GLU A 93 3.77 4.43 -13.41
N PHE A 94 4.69 3.95 -14.23
CA PHE A 94 5.13 2.57 -14.19
C PHE A 94 6.23 2.40 -13.17
N CYS A 95 6.08 1.45 -12.25
CA CYS A 95 7.05 1.16 -11.23
C CYS A 95 7.64 -0.19 -11.59
N GLY A 96 8.75 -0.16 -12.35
CA GLY A 96 9.42 -1.30 -12.97
C GLY A 96 9.75 -2.50 -12.11
N ALA A 97 10.09 -2.30 -10.81
CA ALA A 97 10.45 -3.44 -9.97
C ALA A 97 9.28 -4.12 -9.27
N GLY A 98 8.05 -3.60 -9.48
CA GLY A 98 6.85 -4.17 -8.91
C GLY A 98 6.74 -3.82 -7.44
N SER A 99 6.05 -4.68 -6.69
CA SER A 99 5.86 -4.43 -5.26
C SER A 99 7.02 -4.96 -4.41
N LEU A 100 7.03 -4.55 -3.13
CA LEU A 100 7.98 -5.09 -2.19
C LEU A 100 7.78 -6.59 -1.99
N GLN A 101 6.54 -7.11 -2.13
CA GLN A 101 6.31 -8.56 -2.07
C GLN A 101 6.96 -9.25 -3.28
N ASP A 102 6.77 -8.69 -4.51
CA ASP A 102 7.42 -9.24 -5.71
C ASP A 102 8.94 -9.27 -5.53
N ILE A 103 9.51 -8.31 -4.79
CA ILE A 103 10.92 -8.25 -4.55
C ILE A 103 11.39 -9.20 -3.46
N TYR A 104 10.80 -9.14 -2.24
CA TYR A 104 11.27 -10.01 -1.18
C TYR A 104 11.02 -11.52 -1.47
N GLN A 105 10.06 -11.87 -2.35
CA GLN A 105 9.84 -13.27 -2.71
C GLN A 105 10.83 -13.76 -3.82
N VAL A 106 11.85 -12.96 -4.10
CA VAL A 106 13.00 -13.28 -4.90
C VAL A 106 14.23 -13.12 -4.00
N THR A 107 14.45 -11.91 -3.45
CA THR A 107 15.66 -11.59 -2.65
C THR A 107 15.75 -12.18 -1.23
N GLY A 108 14.62 -12.50 -0.61
CA GLY A 108 14.61 -12.84 0.82
C GLY A 108 14.47 -11.57 1.66
N SER A 109 14.58 -11.71 2.99
CA SER A 109 14.33 -10.63 3.92
C SER A 109 15.17 -9.37 3.72
N LEU A 110 14.53 -8.21 3.87
CA LEU A 110 15.20 -6.92 3.75
C LEU A 110 16.08 -6.69 4.99
N SER A 111 17.12 -5.87 4.83
CA SER A 111 17.98 -5.52 5.93
C SER A 111 17.25 -4.49 6.79
N GLU A 112 17.75 -4.25 8.02
CA GLU A 112 17.10 -3.27 8.88
C GLU A 112 17.13 -1.86 8.26
N LEU A 113 18.20 -1.54 7.56
CA LEU A 113 18.35 -0.23 6.92
C LEU A 113 17.39 -0.06 5.77
N GLN A 114 17.22 -1.11 4.97
CA GLN A 114 16.26 -1.11 3.86
C GLN A 114 14.83 -0.94 4.37
N ILE A 115 14.45 -1.69 5.42
CA ILE A 115 13.12 -1.56 6.01
C ILE A 115 12.92 -0.15 6.57
N SER A 116 13.95 0.39 7.22
CA SER A 116 13.89 1.76 7.76
C SER A 116 13.56 2.79 6.67
N TYR A 117 14.29 2.74 5.53
CA TYR A 117 14.04 3.65 4.41
C TYR A 117 12.61 3.45 3.88
N VAL A 118 12.18 2.19 3.58
CA VAL A 118 10.81 1.98 3.11
C VAL A 118 9.77 2.58 4.11
N CYS A 119 9.92 2.29 5.42
CA CYS A 119 8.99 2.81 6.45
C CYS A 119 9.00 4.34 6.45
N ARG A 120 10.15 5.00 6.28
CA ARG A 120 10.18 6.46 6.23
C ARG A 120 9.35 6.98 5.02
N GLU A 121 9.59 6.41 3.84
CA GLU A 121 8.94 6.86 2.61
C GLU A 121 7.44 6.62 2.69
N VAL A 122 7.02 5.49 3.27
CA VAL A 122 5.59 5.19 3.41
C VAL A 122 4.96 6.14 4.41
N LEU A 123 5.65 6.44 5.52
CA LEU A 123 5.11 7.39 6.52
C LEU A 123 4.93 8.76 5.90
N GLN A 124 5.82 9.16 4.97
CA GLN A 124 5.67 10.48 4.30
C GLN A 124 4.38 10.52 3.49
N GLY A 125 4.09 9.43 2.78
CA GLY A 125 2.86 9.29 2.01
C GLY A 125 1.64 9.25 2.92
N LEU A 126 1.72 8.51 4.06
CA LEU A 126 0.60 8.40 4.99
C LEU A 126 0.31 9.71 5.67
N ALA A 127 1.37 10.45 6.05
CA ALA A 127 1.18 11.76 6.67
C ALA A 127 0.48 12.71 5.71
N TYR A 128 0.79 12.59 4.40
CA TYR A 128 0.14 13.45 3.40
C TYR A 128 -1.34 13.01 3.31
N LEU A 129 -1.60 11.71 3.11
CA LEU A 129 -2.97 11.20 3.04
C LEU A 129 -3.81 11.59 4.25
N HIS A 130 -3.26 11.49 5.44
CA HIS A 130 -3.99 11.86 6.67
C HIS A 130 -4.26 13.40 6.71
N SER A 131 -3.34 14.23 6.19
CA SER A 131 -3.59 15.68 6.12
C SER A 131 -4.76 16.00 5.15
N GLN A 132 -5.01 15.12 4.18
CA GLN A 132 -6.15 15.28 3.27
C GLN A 132 -7.40 14.56 3.81
N LYS A 133 -7.41 14.14 5.10
CA LYS A 133 -8.53 13.47 5.76
C LYS A 133 -8.91 12.16 5.05
N LYS A 134 -7.92 11.48 4.52
CA LYS A 134 -8.05 10.15 3.92
C LYS A 134 -7.39 9.11 4.81
N ILE A 135 -7.97 7.90 4.86
CA ILE A 135 -7.37 6.78 5.57
C ILE A 135 -7.01 5.77 4.49
N HIS A 136 -5.75 5.33 4.41
CA HIS A 136 -5.34 4.40 3.36
C HIS A 136 -6.08 3.06 3.53
N ARG A 137 -5.90 2.37 4.70
CA ARG A 137 -6.62 1.13 5.03
C ARG A 137 -6.23 -0.08 4.17
N ASP A 138 -5.10 0.00 3.44
CA ASP A 138 -4.65 -1.08 2.57
C ASP A 138 -3.11 -1.14 2.52
N ILE A 139 -2.43 -0.78 3.65
CA ILE A 139 -0.95 -0.83 3.72
C ILE A 139 -0.46 -2.26 3.93
N LYS A 140 0.39 -2.72 3.01
CA LYS A 140 1.03 -4.04 2.99
C LYS A 140 2.08 -4.02 1.86
N GLY A 141 3.05 -4.93 1.94
CA GLY A 141 4.11 -4.99 0.95
C GLY A 141 3.67 -5.03 -0.50
N ALA A 142 2.58 -5.81 -0.82
CA ALA A 142 2.07 -5.93 -2.19
C ALA A 142 1.54 -4.59 -2.73
N ASN A 143 1.23 -3.62 -1.84
CA ASN A 143 0.67 -2.34 -2.26
C ASN A 143 1.67 -1.20 -2.19
N ILE A 144 2.97 -1.52 -2.01
CA ILE A 144 4.04 -0.57 -2.01
C ILE A 144 4.92 -0.96 -3.16
N LEU A 145 5.02 -0.07 -4.15
CA LEU A 145 5.79 -0.33 -5.37
C LEU A 145 7.15 0.35 -5.37
N ILE A 146 8.09 -0.19 -6.15
CA ILE A 146 9.44 0.29 -6.30
C ILE A 146 9.74 0.52 -7.77
N ASN A 147 10.26 1.69 -8.15
CA ASN A 147 10.64 1.93 -9.55
C ASN A 147 12.13 1.55 -9.72
N ASP A 148 12.64 1.54 -10.97
CA ASP A 148 14.03 1.13 -11.19
C ASP A 148 15.07 2.09 -10.56
N ALA A 149 14.64 3.26 -10.07
CA ALA A 149 15.53 4.20 -9.37
C ALA A 149 15.55 3.97 -7.83
N GLY A 150 14.84 2.94 -7.33
CA GLY A 150 14.81 2.63 -5.91
C GLY A 150 13.88 3.52 -5.09
N GLU A 151 13.05 4.32 -5.76
CA GLU A 151 12.08 5.16 -5.08
C GLU A 151 10.93 4.33 -4.56
N VAL A 152 10.30 4.78 -3.48
CA VAL A 152 9.21 4.04 -2.83
C VAL A 152 7.88 4.79 -3.00
N ARG A 153 6.85 4.10 -3.53
CA ARG A 153 5.56 4.74 -3.71
C ARG A 153 4.43 3.82 -3.34
N LEU A 154 3.41 4.37 -2.69
CA LEU A 154 2.19 3.64 -2.43
C LEU A 154 1.49 3.49 -3.81
N ALA A 155 1.02 2.29 -4.16
CA ALA A 155 0.35 2.05 -5.46
C ALA A 155 -0.83 2.98 -5.68
N ASP A 156 -1.56 3.28 -4.62
CA ASP A 156 -2.71 4.19 -4.72
C ASP A 156 -2.94 4.86 -3.35
N PHE A 157 -3.97 5.70 -3.24
CA PHE A 157 -4.22 6.34 -1.95
C PHE A 157 -5.09 5.48 -1.00
N GLY A 158 -5.29 4.22 -1.33
CA GLY A 158 -6.05 3.32 -0.47
C GLY A 158 -7.39 2.88 -1.03
N ILE A 159 -8.22 2.36 -0.14
CA ILE A 159 -9.52 1.82 -0.49
C ILE A 159 -10.60 2.87 -0.72
N SER A 160 -10.41 4.13 -0.32
CA SER A 160 -11.46 5.16 -0.38
C SER A 160 -12.01 5.53 -1.76
N ALA A 161 -11.41 5.09 -2.87
CA ALA A 161 -11.92 5.43 -4.19
C ALA A 161 -13.27 4.73 -4.47
N GLN A 162 -14.33 5.50 -4.62
CA GLN A 162 -15.67 4.98 -4.90
C GLN A 162 -15.83 4.69 -6.40
N ILE A 163 -15.01 3.75 -6.93
CA ILE A 163 -15.01 3.33 -8.34
C ILE A 163 -14.95 1.81 -8.42
N GLY A 164 -15.74 1.23 -9.30
CA GLY A 164 -15.77 -0.21 -9.48
C GLY A 164 -16.10 -1.05 -8.26
N ALA A 165 -15.23 -2.03 -7.96
CA ALA A 165 -15.42 -2.97 -6.85
C ALA A 165 -15.02 -2.40 -5.48
N GLU A 166 -15.56 -1.22 -5.13
CA GLU A 166 -15.25 -0.58 -3.86
C GLU A 166 -15.61 -1.46 -2.66
N LEU A 167 -16.79 -2.14 -2.68
CA LEU A 167 -17.21 -2.94 -1.52
C LEU A 167 -16.31 -4.15 -1.27
N ALA A 168 -15.98 -4.90 -2.31
CA ALA A 168 -15.11 -6.09 -2.17
C ALA A 168 -13.70 -5.68 -1.70
N ARG A 169 -13.23 -4.54 -2.17
CA ARG A 169 -11.95 -4.01 -1.76
C ARG A 169 -12.01 -3.57 -0.28
N ARG A 170 -13.11 -2.94 0.13
CA ARG A 170 -13.28 -2.46 1.49
C ARG A 170 -13.35 -3.65 2.48
N LEU A 171 -14.00 -4.75 2.05
CA LEU A 171 -14.22 -5.92 2.89
C LEU A 171 -13.20 -7.05 2.72
N GLU A 172 -12.28 -6.89 1.79
CA GLU A 172 -11.28 -7.92 1.50
C GLU A 172 -10.47 -8.37 2.73
N PHE A 173 -10.15 -7.44 3.67
CA PHE A 173 -9.38 -7.80 4.86
C PHE A 173 -10.05 -8.89 5.69
N ILE A 174 -11.38 -9.05 5.63
CA ILE A 174 -12.06 -10.09 6.40
C ILE A 174 -11.49 -11.51 6.06
N GLY A 175 -11.11 -11.71 4.80
CA GLY A 175 -10.50 -12.96 4.34
C GLY A 175 -8.98 -12.95 4.49
N THR A 176 -8.37 -11.79 4.74
CA THR A 176 -6.90 -11.66 4.89
C THR A 176 -6.64 -10.45 5.83
N PRO A 177 -6.95 -10.62 7.15
CA PRO A 177 -6.91 -9.49 8.10
C PRO A 177 -5.58 -9.18 8.72
N TYR A 178 -4.55 -9.86 8.28
CA TYR A 178 -3.23 -9.86 8.91
C TYR A 178 -2.58 -8.50 9.11
N TRP A 179 -2.87 -7.55 8.23
CA TRP A 179 -2.27 -6.24 8.31
C TRP A 179 -3.17 -5.20 9.01
N MET A 180 -4.41 -5.55 9.36
CA MET A 180 -5.34 -4.58 9.94
C MET A 180 -5.20 -4.42 11.45
N ALA A 181 -5.46 -3.19 11.93
CA ALA A 181 -5.36 -2.87 13.35
C ALA A 181 -6.50 -3.53 14.11
N PRO A 182 -6.37 -3.80 15.42
CA PRO A 182 -7.47 -4.49 16.13
C PRO A 182 -8.78 -3.72 16.05
N GLU A 183 -8.74 -2.37 16.09
CA GLU A 183 -10.01 -1.60 16.04
C GLU A 183 -10.71 -1.74 14.66
N VAL A 184 -9.95 -2.06 13.60
CA VAL A 184 -10.50 -2.33 12.25
C VAL A 184 -11.00 -3.79 12.19
N ALA A 185 -10.18 -4.75 12.70
CA ALA A 185 -10.55 -6.16 12.82
C ALA A 185 -11.88 -6.35 13.63
N ALA A 186 -12.26 -5.33 14.45
CA ALA A 186 -13.55 -5.30 15.19
C ALA A 186 -14.67 -4.82 14.23
N VAL A 187 -14.64 -5.35 12.98
CA VAL A 187 -15.56 -5.03 11.90
C VAL A 187 -17.00 -5.33 12.32
N ALA A 188 -17.88 -4.41 11.97
CA ALA A 188 -19.32 -4.47 12.27
C ALA A 188 -19.65 -4.38 13.75
N LEU A 189 -18.69 -3.94 14.59
CA LEU A 189 -18.98 -3.64 16.00
C LEU A 189 -19.10 -2.11 16.13
N LYS A 190 -19.63 -1.62 17.26
CA LYS A 190 -19.89 -0.20 17.43
C LYS A 190 -18.69 0.77 17.32
N GLY A 191 -17.48 0.31 17.65
CA GLY A 191 -16.35 1.22 17.66
C GLY A 191 -15.87 1.47 16.25
N GLY A 192 -15.66 2.73 15.91
CA GLY A 192 -15.14 3.01 14.58
C GLY A 192 -13.63 2.91 14.62
N TYR A 193 -13.00 3.55 13.66
CA TYR A 193 -11.55 3.64 13.64
C TYR A 193 -11.19 4.97 13.03
N ASN A 194 -9.90 5.29 13.04
CA ASN A 194 -9.43 6.52 12.48
C ASN A 194 -8.11 6.24 11.73
N GLU A 195 -7.46 7.28 11.23
CA GLU A 195 -6.26 7.16 10.42
C GLU A 195 -5.10 6.44 11.11
N LEU A 196 -5.13 6.33 12.45
CA LEU A 196 -4.08 5.64 13.18
C LEU A 196 -4.01 4.14 12.86
N CYS A 197 -5.09 3.54 12.26
CA CYS A 197 -5.05 2.15 11.84
C CYS A 197 -3.92 1.96 10.79
N ASP A 198 -3.62 2.98 9.96
CA ASP A 198 -2.54 2.88 8.97
C ASP A 198 -1.17 2.75 9.61
N ILE A 199 -0.98 3.34 10.80
CA ILE A 199 0.28 3.26 11.55
C ILE A 199 0.51 1.83 11.97
N TRP A 200 -0.55 1.16 12.49
CA TRP A 200 -0.44 -0.27 12.87
C TRP A 200 -0.08 -1.10 11.61
N SER A 201 -0.77 -0.87 10.49
CA SER A 201 -0.55 -1.65 9.24
C SER A 201 0.91 -1.48 8.75
N LEU A 202 1.50 -0.30 8.99
CA LEU A 202 2.89 -0.06 8.61
C LEU A 202 3.85 -0.87 9.52
N GLY A 203 3.55 -0.99 10.81
CA GLY A 203 4.33 -1.82 11.73
C GLY A 203 4.28 -3.29 11.31
N ILE A 204 3.09 -3.78 10.95
CA ILE A 204 2.97 -5.17 10.43
C ILE A 204 3.77 -5.33 9.12
N THR A 205 3.69 -4.33 8.21
CA THR A 205 4.43 -4.37 6.96
C THR A 205 5.94 -4.46 7.23
N ALA A 206 6.42 -3.77 8.25
CA ALA A 206 7.84 -3.82 8.58
C ALA A 206 8.24 -5.25 9.05
N ILE A 207 7.39 -5.94 9.82
CA ILE A 207 7.64 -7.34 10.20
C ILE A 207 7.56 -8.21 8.93
N GLU A 208 6.63 -7.93 8.04
CA GLU A 208 6.49 -8.64 6.75
C GLU A 208 7.80 -8.55 5.94
N LEU A 209 8.39 -7.37 5.85
CA LEU A 209 9.67 -7.22 5.07
C LEU A 209 10.83 -7.91 5.73
N ALA A 210 10.79 -8.00 7.05
CA ALA A 210 11.80 -8.71 7.84
C ALA A 210 11.60 -10.24 7.80
N GLU A 211 10.33 -10.72 7.76
CA GLU A 211 10.07 -12.14 7.93
C GLU A 211 9.41 -12.89 6.77
N LEU A 212 9.10 -12.15 5.68
CA LEU A 212 8.50 -12.65 4.42
C LEU A 212 7.02 -13.00 4.52
N GLN A 213 6.41 -12.65 5.62
CA GLN A 213 5.00 -12.85 5.87
C GLN A 213 4.64 -12.01 7.12
N PRO A 214 3.40 -11.53 7.20
CA PRO A 214 2.98 -10.83 8.41
C PRO A 214 2.77 -11.85 9.56
N PRO A 215 2.72 -11.38 10.81
CA PRO A 215 2.46 -12.32 11.93
C PRO A 215 1.15 -13.05 11.80
N LEU A 216 1.11 -14.28 12.27
CA LEU A 216 -0.10 -15.10 12.23
C LEU A 216 -0.63 -15.44 10.82
N PHE A 217 0.16 -15.21 9.75
CA PHE A 217 -0.25 -15.46 8.34
C PHE A 217 -0.83 -16.87 8.06
N ASP A 218 -0.35 -17.87 8.79
CA ASP A 218 -0.75 -19.26 8.66
C ASP A 218 -2.02 -19.62 9.46
N VAL A 219 -2.55 -18.67 10.23
CA VAL A 219 -3.75 -18.88 11.00
C VAL A 219 -4.93 -18.49 10.12
N HIS A 220 -6.04 -19.27 10.20
CA HIS A 220 -7.27 -19.03 9.44
C HIS A 220 -7.76 -17.62 9.70
N PRO A 221 -8.05 -16.86 8.62
CA PRO A 221 -8.44 -15.45 8.80
C PRO A 221 -9.51 -15.16 9.86
N LEU A 222 -10.52 -16.00 9.95
CA LEU A 222 -11.58 -15.83 10.96
C LEU A 222 -11.06 -16.08 12.38
N ARG A 223 -10.05 -16.93 12.54
CA ARG A 223 -9.44 -17.15 13.85
C ARG A 223 -8.65 -15.90 14.24
N VAL A 224 -7.93 -15.26 13.28
CA VAL A 224 -7.14 -14.05 13.56
C VAL A 224 -8.07 -12.90 13.99
N LEU A 225 -9.23 -12.76 13.32
CA LEU A 225 -10.21 -11.72 13.67
C LEU A 225 -10.67 -11.92 15.11
N PHE A 226 -10.95 -13.18 15.49
CA PHE A 226 -11.37 -13.53 16.85
C PHE A 226 -10.32 -13.13 17.86
N LEU A 227 -9.07 -13.59 17.66
CA LEU A 227 -7.99 -13.32 18.58
C LEU A 227 -7.74 -11.84 18.75
N MET A 228 -7.80 -11.08 17.65
CA MET A 228 -7.53 -9.65 17.66
C MET A 228 -8.52 -8.84 18.46
N THR A 229 -9.80 -9.25 18.51
CA THR A 229 -10.79 -8.52 19.29
C THR A 229 -10.94 -9.09 20.73
N LYS A 230 -9.83 -9.64 21.28
CA LYS A 230 -9.83 -10.13 22.65
C LYS A 230 -9.07 -9.13 23.51
N SER A 231 -9.50 -8.95 24.75
CA SER A 231 -8.87 -8.00 25.67
C SER A 231 -7.40 -8.35 25.94
N GLY A 232 -7.12 -9.64 26.02
CA GLY A 232 -5.77 -10.12 26.26
C GLY A 232 -4.91 -10.28 25.02
N TYR A 233 -5.33 -9.71 23.87
CA TYR A 233 -4.51 -9.82 22.64
C TYR A 233 -3.23 -9.08 22.82
N GLN A 234 -2.13 -9.75 22.59
CA GLN A 234 -0.83 -9.12 22.69
C GLN A 234 -0.40 -8.79 21.26
N PRO A 235 -0.11 -7.52 20.98
CA PRO A 235 0.36 -7.17 19.63
C PRO A 235 1.58 -7.98 19.22
N PRO A 236 1.75 -8.24 17.92
CA PRO A 236 2.92 -9.01 17.48
C PRO A 236 4.29 -8.39 17.76
N ARG A 237 5.32 -9.21 17.61
CA ARG A 237 6.69 -8.80 17.75
C ARG A 237 7.53 -9.52 16.71
N LEU A 238 8.73 -8.99 16.43
CA LEU A 238 9.69 -9.66 15.55
C LEU A 238 10.10 -11.02 16.20
N LYS A 239 10.24 -12.07 15.38
CA LYS A 239 10.54 -13.41 15.86
C LYS A 239 11.98 -13.59 16.30
N GLU A 240 12.94 -12.90 15.67
CA GLU A 240 14.36 -13.04 16.02
C GLU A 240 14.98 -11.80 16.69
N LYS A 241 14.84 -11.67 18.02
CA LYS A 241 15.32 -10.51 18.78
C LYS A 241 16.82 -10.17 18.60
N GLY A 242 17.67 -11.22 18.51
CA GLY A 242 19.12 -11.17 18.34
C GLY A 242 19.67 -11.03 16.93
N LYS A 243 18.96 -10.23 16.13
CA LYS A 243 19.23 -9.84 14.74
C LYS A 243 18.85 -8.34 14.58
N TRP A 244 17.73 -7.95 15.16
CA TRP A 244 17.20 -6.59 15.02
C TRP A 244 17.60 -5.70 16.14
N SER A 245 17.82 -4.43 15.86
CA SER A 245 18.27 -3.50 16.91
C SER A 245 17.16 -3.14 17.88
N ALA A 246 17.56 -2.53 19.00
CA ALA A 246 16.65 -1.96 20.00
C ALA A 246 15.75 -0.92 19.36
N ALA A 247 16.28 -0.11 18.42
CA ALA A 247 15.46 0.90 17.71
C ALA A 247 14.33 0.22 16.88
N PHE A 248 14.67 -0.87 16.16
CA PHE A 248 13.66 -1.56 15.35
C PHE A 248 12.60 -2.21 16.25
N HIS A 249 13.00 -2.86 17.35
CA HIS A 249 12.05 -3.43 18.31
C HIS A 249 11.08 -2.37 18.85
N ASN A 250 11.61 -1.17 19.17
CA ASN A 250 10.80 -0.10 19.72
C ASN A 250 9.86 0.46 18.67
N PHE A 251 10.33 0.58 17.41
CA PHE A 251 9.47 1.04 16.31
C PHE A 251 8.26 0.07 16.16
N ILE A 252 8.49 -1.23 16.27
CA ILE A 252 7.42 -2.22 16.20
C ILE A 252 6.52 -2.07 17.42
N LYS A 253 7.12 -1.91 18.60
CA LYS A 253 6.36 -1.72 19.83
C LYS A 253 5.40 -0.52 19.77
N VAL A 254 5.86 0.64 19.28
CA VAL A 254 5.00 1.84 19.26
C VAL A 254 4.00 1.82 18.08
N THR A 255 4.41 1.38 16.86
CA THR A 255 3.44 1.30 15.75
C THR A 255 2.34 0.26 16.07
N LEU A 256 2.70 -0.83 16.76
CA LEU A 256 1.72 -1.83 17.15
C LEU A 256 1.15 -1.59 18.53
N THR A 257 0.88 -0.32 18.89
CA THR A 257 0.21 -0.02 20.14
C THR A 257 -1.26 -0.46 19.96
N LYS A 258 -1.77 -1.28 20.89
CA LYS A 258 -3.13 -1.82 20.79
C LYS A 258 -4.22 -0.71 20.76
N SER A 259 -4.17 0.26 21.67
CA SER A 259 -5.15 1.34 21.69
C SER A 259 -4.78 2.39 20.67
N PRO A 260 -5.70 2.73 19.76
CA PRO A 260 -5.42 3.82 18.82
C PRO A 260 -5.29 5.17 19.55
N LYS A 261 -5.81 5.31 20.77
CA LYS A 261 -5.66 6.58 21.49
C LYS A 261 -4.21 6.76 22.03
N LYS A 262 -3.40 5.71 21.98
CA LYS A 262 -2.00 5.74 22.43
C LYS A 262 -1.00 5.59 21.28
N ARG A 263 -1.49 5.30 20.07
CA ARG A 263 -0.62 5.03 18.93
C ARG A 263 -0.19 6.34 18.29
N PRO A 264 1.10 6.47 17.93
CA PRO A 264 1.57 7.74 17.37
C PRO A 264 1.10 7.99 15.95
N SER A 265 0.98 9.26 15.59
CA SER A 265 0.59 9.70 14.25
C SER A 265 1.70 9.43 13.24
N ALA A 266 1.38 9.55 11.93
CA ALA A 266 2.42 9.34 10.91
C ALA A 266 3.50 10.44 11.05
N THR A 267 3.09 11.68 11.29
CA THR A 267 4.04 12.79 11.45
C THR A 267 4.93 12.54 12.67
N LYS A 268 4.35 12.07 13.79
CA LYS A 268 5.16 11.76 14.98
C LYS A 268 6.18 10.65 14.69
N MET A 269 5.74 9.58 14.01
CA MET A 269 6.61 8.47 13.65
C MET A 269 7.76 8.93 12.77
N LEU A 270 7.60 9.99 11.93
CA LEU A 270 8.73 10.42 11.10
C LEU A 270 9.96 10.89 11.93
N SER A 271 9.79 11.24 13.22
CA SER A 271 10.95 11.59 14.07
C SER A 271 11.40 10.44 14.93
N HIS A 272 10.84 9.22 14.74
CA HIS A 272 11.31 8.04 15.48
C HIS A 272 12.74 7.78 15.06
N GLN A 273 13.65 7.43 16.01
CA GLN A 273 15.06 7.13 15.74
C GLN A 273 15.26 6.19 14.54
N LEU A 274 14.37 5.22 14.33
CA LEU A 274 14.58 4.24 13.23
C LEU A 274 14.49 4.86 11.84
N VAL A 275 13.52 5.77 11.64
CA VAL A 275 13.33 6.34 10.31
C VAL A 275 13.89 7.71 10.12
N SER A 276 14.41 8.32 11.17
CA SER A 276 15.07 9.63 11.09
C SER A 276 16.59 9.50 11.11
N GLN A 277 17.15 8.28 11.13
CA GLN A 277 18.59 8.05 11.15
C GLN A 277 19.27 8.45 9.84
N PRO A 278 20.54 8.86 9.89
CA PRO A 278 21.25 9.19 8.64
C PRO A 278 21.48 7.98 7.70
N GLY A 279 21.75 8.30 6.44
CA GLY A 279 22.07 7.31 5.43
C GLY A 279 20.90 6.54 4.86
N LEU A 280 19.65 7.03 5.07
CA LEU A 280 18.48 6.34 4.50
C LEU A 280 18.20 7.04 3.16
N ASN A 281 18.33 6.31 2.06
CA ASN A 281 18.15 6.86 0.71
C ASN A 281 17.89 5.73 -0.29
N ARG A 282 17.47 6.06 -1.52
CA ARG A 282 17.16 5.08 -2.56
C ARG A 282 18.27 4.10 -2.89
N GLY A 283 19.52 4.47 -2.55
CA GLY A 283 20.69 3.60 -2.78
C GLY A 283 20.54 2.27 -2.07
N LEU A 284 19.86 2.26 -0.91
CA LEU A 284 19.58 1.04 -0.14
C LEU A 284 18.71 0.09 -0.96
N ILE A 285 17.73 0.64 -1.69
CA ILE A 285 16.83 -0.16 -2.53
C ILE A 285 17.51 -0.53 -3.83
N LEU A 286 18.44 0.31 -4.35
CA LEU A 286 19.24 -0.05 -5.53
C LEU A 286 20.10 -1.30 -5.19
N ASP A 287 20.66 -1.36 -3.94
CA ASP A 287 21.41 -2.54 -3.49
C ASP A 287 20.48 -3.75 -3.41
N LEU A 288 19.26 -3.56 -2.91
CA LEU A 288 18.28 -4.64 -2.84
C LEU A 288 17.92 -5.17 -4.25
N LEU A 289 17.75 -4.27 -5.24
CA LEU A 289 17.40 -4.65 -6.62
C LEU A 289 18.56 -5.36 -7.31
N ASP A 290 19.81 -5.08 -6.90
CA ASP A 290 20.97 -5.76 -7.44
C ASP A 290 20.91 -7.26 -7.10
N LYS A 291 20.33 -7.64 -5.94
CA LYS A 291 20.15 -9.04 -5.55
C LYS A 291 19.24 -9.81 -6.50
N LEU A 292 18.39 -9.10 -7.27
CA LEU A 292 17.51 -9.78 -8.24
C LEU A 292 18.31 -10.42 -9.37
N LYS A 293 19.50 -9.86 -9.69
CA LYS A 293 20.41 -10.38 -10.71
C LYS A 293 21.02 -11.71 -10.28
N ASN A 294 21.30 -11.87 -8.96
CA ASN A 294 21.85 -13.13 -8.45
C ASN A 294 20.77 -14.09 -7.99
#